data_3ECG
#
_entry.id   3ECG
#
_cell.length_a   105.396
_cell.length_b   30.964
_cell.length_c   55.625
_cell.angle_alpha   90.00
_cell.angle_beta   91.39
_cell.angle_gamma   90.00
#
_symmetry.space_group_name_H-M   'C 1 2 1'
#
loop_
_entity.id
_entity.type
_entity.pdbx_description
1 polymer Protease
2 non-polymer (3R,3AS,6AR)-HEXAHYDROFURO[2,3-B]FURAN-3-YL(2S,3R)-3-HYDROXY-4-(N-ISOBUTYLBENZO[D][1,3]DIOXOLE-5-SULFONAMIDO)-1-PHENYLBUTAN-2-YLCARBAMATE
3 non-polymer IMIDAZOLE
4 non-polymer 'ZINC ION'
5 non-polymer 'CHLORIDE ION'
6 non-polymer 'SODIUM ION'
7 water water
#
_entity_poly.entity_id   1
_entity_poly.type   'polypeptide(L)'
_entity_poly.pdbx_seq_one_letter_code
;PQFSLWKRPVVTAYIEGQPVEVLLDTGADDSIVAGIELGNNYSPKIVGGIGGFINTKEYKNVEIEVLNKKVRATIMTGDT
PINIFGRNILTALGMSLNL
;
_entity_poly.pdbx_strand_id   A,B
#
loop_
_chem_comp.id
_chem_comp.type
_chem_comp.name
_chem_comp.formula
065 non-polymer (3R,3AS,6AR)-HEXAHYDROFURO[2,3-B]FURAN-3-YL(2S,3R)-3-HYDROXY-4-(N-ISOBUTYLBENZO[D][1,3]DIOXOLE-5-SULFONAMIDO)-1-PHENYLBUTAN-2-YLCARBAMATE 'C28 H36 N2 O9 S'
CL non-polymer 'CHLORIDE ION' 'Cl -1'
IMD non-polymer IMIDAZOLE 'C3 H5 N2 1'
NA non-polymer 'SODIUM ION' 'Na 1'
ZN non-polymer 'ZINC ION' 'Zn 2'
#
# COMPACT_ATOMS: atom_id res chain seq x y z
N PRO A 1 -8.07 16.33 6.96
CA PRO A 1 -8.21 15.04 7.66
C PRO A 1 -6.84 14.44 7.93
N GLN A 2 -6.71 13.68 9.00
CA GLN A 2 -5.53 12.94 9.36
C GLN A 2 -5.92 11.49 9.58
N PHE A 3 -5.18 10.61 8.95
CA PHE A 3 -5.28 9.17 9.18
C PHE A 3 -4.08 8.74 10.01
N SER A 4 -4.33 8.24 11.21
CA SER A 4 -3.23 7.96 12.14
C SER A 4 -2.56 6.59 11.92
N LEU A 5 -3.12 5.75 11.08
CA LEU A 5 -2.59 4.48 10.61
C LEU A 5 -2.64 3.39 11.66
N TRP A 6 -3.26 3.64 12.82
CA TRP A 6 -3.50 2.58 13.80
C TRP A 6 -4.50 1.54 13.30
N LYS A 7 -5.35 2.05 12.45
CA LYS A 7 -6.31 1.28 11.69
C LYS A 7 -6.11 1.45 10.18
N ARG A 8 -6.69 0.56 9.36
CA ARG A 8 -6.60 0.74 7.89
C ARG A 8 -7.29 2.04 7.46
N PRO A 9 -6.63 2.85 6.65
CA PRO A 9 -7.26 4.08 6.18
C PRO A 9 -8.27 3.82 5.04
N VAL A 10 -9.52 3.54 5.45
CA VAL A 10 -10.56 3.19 4.51
C VAL A 10 -11.68 4.21 4.57
N VAL A 11 -12.12 4.70 3.41
CA VAL A 11 -13.12 5.74 3.31
C VAL A 11 -14.12 5.31 2.25
N THR A 12 -15.28 5.96 2.21
CA THR A 12 -16.26 5.77 1.16
C THR A 12 -15.96 6.70 0.01
N ALA A 13 -15.86 6.18 -1.20
CA ALA A 13 -15.72 6.99 -2.43
C ALA A 13 -16.94 6.72 -3.31
N TYR A 14 -17.20 7.62 -4.24
CA TYR A 14 -18.22 7.44 -5.28
C TYR A 14 -17.47 7.46 -6.61
N ILE A 15 -17.58 6.37 -7.36
CA ILE A 15 -16.97 6.28 -8.68
C ILE A 15 -18.09 6.28 -9.70
N GLU A 16 -18.15 7.38 -10.47
CA GLU A 16 -19.23 7.58 -11.43
C GLU A 16 -20.55 7.39 -10.71
N GLY A 17 -20.60 7.91 -9.47
CA GLY A 17 -21.79 7.84 -8.65
C GLY A 17 -22.00 6.60 -7.83
N GLN A 18 -21.18 5.60 -7.99
CA GLN A 18 -21.41 4.34 -7.27
C GLN A 18 -20.56 4.35 -6.00
N PRO A 19 -21.16 4.11 -4.86
CA PRO A 19 -20.36 4.04 -3.63
C PRO A 19 -19.56 2.75 -3.53
N VAL A 20 -18.29 2.93 -3.16
CA VAL A 20 -17.35 1.84 -2.89
C VAL A 20 -16.47 2.27 -1.71
N GLU A 21 -16.13 1.30 -0.89
CA GLU A 21 -15.15 1.48 0.20
C GLU A 21 -13.76 1.30 -0.42
N VAL A 22 -12.84 2.20 -0.15
CA VAL A 22 -11.50 2.19 -0.73
C VAL A 22 -10.44 2.38 0.36
N LEU A 23 -9.34 1.71 0.16
CA LEU A 23 -8.13 1.82 0.96
C LEU A 23 -7.20 2.88 0.39
N LEU A 24 -6.80 3.83 1.22
CA LEU A 24 -5.88 4.90 0.78
C LEU A 24 -4.49 4.36 0.90
N ASP A 25 -3.84 4.13 -0.23
CA ASP A 25 -2.68 3.24 -0.24
C ASP A 25 -1.44 3.84 -0.88
N THR A 26 -0.50 4.28 -0.05
CA THR A 26 0.72 4.88 -0.55
C THR A 26 1.64 3.86 -1.23
N GLY A 27 1.42 2.58 -1.02
CA GLY A 27 2.20 1.55 -1.63
C GLY A 27 1.72 1.13 -2.99
N ALA A 28 0.64 1.76 -3.41
CA ALA A 28 0.06 1.49 -4.73
C ALA A 28 0.33 2.58 -5.75
N ASP A 29 0.98 2.29 -6.87
CA ASP A 29 1.21 3.32 -7.88
C ASP A 29 -0.13 3.77 -8.47
N ASP A 30 -1.01 2.81 -8.64
CA ASP A 30 -2.27 2.90 -9.39
C ASP A 30 -3.44 2.56 -8.50
N SER A 31 -4.63 2.83 -8.98
CA SER A 31 -5.86 2.61 -8.28
C SER A 31 -6.66 1.52 -8.98
N ILE A 32 -7.10 0.57 -8.18
CA ILE A 32 -7.70 -0.65 -8.67
C ILE A 32 -8.96 -0.96 -7.86
N VAL A 33 -10.06 -1.17 -8.62
CA VAL A 33 -11.31 -1.44 -7.93
CA VAL A 33 -11.35 -1.39 -8.00
C VAL A 33 -12.05 -2.61 -8.58
N ALA A 34 -12.72 -3.36 -7.74
CA ALA A 34 -13.56 -4.47 -8.20
C ALA A 34 -15.03 -4.15 -8.07
N GLY A 35 -15.86 -4.97 -8.73
CA GLY A 35 -17.29 -4.92 -8.57
C GLY A 35 -17.93 -3.79 -9.35
N ILE A 36 -17.16 -3.01 -10.09
CA ILE A 36 -17.77 -1.94 -10.87
C ILE A 36 -17.37 -2.10 -12.32
N GLU A 37 -18.30 -1.85 -13.22
CA GLU A 37 -18.12 -1.89 -14.65
C GLU A 37 -18.00 -0.48 -15.19
N LEU A 38 -16.87 -0.24 -15.88
CA LEU A 38 -16.66 1.12 -16.42
C LEU A 38 -16.72 1.12 -17.94
N GLY A 39 -16.95 -0.03 -18.57
CA GLY A 39 -17.32 -0.08 -19.95
C GLY A 39 -16.28 -0.62 -20.90
N ASN A 40 -16.46 -0.33 -22.21
CA ASN A 40 -15.67 -0.84 -23.30
C ASN A 40 -14.42 -0.08 -23.72
N ASN A 41 -14.25 1.12 -23.19
CA ASN A 41 -13.15 1.95 -23.61
C ASN A 41 -12.08 1.94 -22.54
N TYR A 42 -11.22 0.95 -22.63
CA TYR A 42 -10.13 0.72 -21.70
C TYR A 42 -8.86 0.33 -22.44
N SER A 43 -7.76 0.22 -21.68
CA SER A 43 -6.56 -0.43 -22.12
C SER A 43 -6.24 -1.60 -21.18
N PRO A 44 -6.07 -2.81 -21.67
CA PRO A 44 -5.76 -3.92 -20.75
C PRO A 44 -4.31 -3.89 -20.31
N LYS A 45 -4.11 -4.14 -19.01
CA LYS A 45 -2.71 -4.24 -18.58
C LYS A 45 -2.65 -5.13 -17.33
N ILE A 46 -1.46 -5.55 -17.03
CA ILE A 46 -1.23 -6.49 -15.95
C ILE A 46 -0.52 -5.77 -14.81
N VAL A 47 -0.98 -5.99 -13.58
CA VAL A 47 -0.34 -5.45 -12.40
C VAL A 47 0.09 -6.60 -11.51
N GLY A 48 1.20 -6.32 -10.82
CA GLY A 48 1.74 -7.27 -9.87
C GLY A 48 1.76 -6.85 -8.43
N GLY A 49 1.69 -7.81 -7.52
CA GLY A 49 1.81 -7.55 -6.10
C GLY A 49 2.18 -8.81 -5.37
N ILE A 50 1.87 -8.84 -4.08
CA ILE A 50 2.13 -10.06 -3.32
C ILE A 50 1.14 -11.11 -3.83
N GLY A 51 1.61 -12.29 -4.12
CA GLY A 51 0.77 -13.37 -4.53
C GLY A 51 0.85 -13.54 -6.03
N GLY A 52 1.31 -12.51 -6.75
CA GLY A 52 1.34 -12.68 -8.18
C GLY A 52 0.87 -11.50 -8.98
N PHE A 53 0.00 -11.73 -9.95
CA PHE A 53 -0.41 -10.73 -10.93
C PHE A 53 -1.91 -10.82 -11.20
N ILE A 54 -2.50 -9.72 -11.63
CA ILE A 54 -3.85 -9.75 -12.15
C ILE A 54 -3.95 -8.95 -13.46
N ASN A 55 -4.90 -9.39 -14.31
CA ASN A 55 -5.29 -8.59 -15.43
C ASN A 55 -6.17 -7.44 -14.97
N THR A 56 -6.00 -6.27 -15.55
CA THR A 56 -6.86 -5.14 -15.26
C THR A 56 -7.29 -4.48 -16.57
N LYS A 57 -8.28 -3.62 -16.39
CA LYS A 57 -8.76 -2.79 -17.48
C LYS A 57 -8.55 -1.35 -17.04
N GLU A 58 -7.76 -0.56 -17.74
CA GLU A 58 -7.44 0.82 -17.34
C GLU A 58 -8.30 1.84 -18.08
N TYR A 59 -9.00 2.65 -17.29
CA TYR A 59 -9.97 3.67 -17.72
C TYR A 59 -9.43 5.05 -17.36
N LYS A 60 -9.48 6.00 -18.28
CA LYS A 60 -8.97 7.35 -18.00
C LYS A 60 -10.10 8.30 -17.68
N ASN A 61 -9.84 9.35 -16.94
CA ASN A 61 -10.77 10.44 -16.74
C ASN A 61 -12.07 10.00 -16.12
N VAL A 62 -11.95 9.16 -15.10
CA VAL A 62 -13.10 8.69 -14.34
C VAL A 62 -13.41 9.69 -13.23
N GLU A 63 -14.70 10.01 -13.09
CA GLU A 63 -15.22 10.84 -12.04
C GLU A 63 -15.11 10.17 -10.67
N ILE A 64 -14.42 10.77 -9.74
CA ILE A 64 -14.19 10.21 -8.42
C ILE A 64 -14.58 11.29 -7.40
N GLU A 65 -15.41 10.98 -6.41
CA GLU A 65 -15.70 11.87 -5.31
CA GLU A 65 -15.72 11.85 -5.30
C GLU A 65 -15.27 11.16 -4.01
N VAL A 66 -14.36 11.76 -3.28
CA VAL A 66 -13.85 11.13 -2.07
C VAL A 66 -13.29 12.25 -1.18
N LEU A 67 -13.40 12.08 0.14
CA LEU A 67 -12.82 13.09 1.07
C LEU A 67 -13.27 14.48 0.74
N ASN A 68 -14.54 14.60 0.33
CA ASN A 68 -15.21 15.86 -0.01
C ASN A 68 -14.55 16.67 -1.12
N LYS A 69 -13.92 15.93 -2.02
CA LYS A 69 -13.35 16.52 -3.21
C LYS A 69 -13.81 15.72 -4.43
N LYS A 70 -13.82 16.32 -5.60
CA LYS A 70 -14.15 15.62 -6.83
C LYS A 70 -12.95 15.76 -7.74
N VAL A 71 -12.50 14.65 -8.28
CA VAL A 71 -11.39 14.62 -9.20
C VAL A 71 -11.72 13.70 -10.38
N ARG A 72 -10.94 13.87 -11.43
CA ARG A 72 -10.93 13.04 -12.61
C ARG A 72 -9.61 12.28 -12.65
N ALA A 73 -9.65 10.96 -12.64
CA ALA A 73 -8.45 10.18 -12.54
C ALA A 73 -8.60 8.83 -13.24
N THR A 74 -7.46 8.19 -13.36
CA THR A 74 -7.33 6.87 -13.95
C THR A 74 -7.67 5.82 -12.92
N ILE A 75 -8.53 4.87 -13.33
CA ILE A 75 -8.95 3.78 -12.48
C ILE A 75 -8.78 2.48 -13.29
N MET A 76 -8.25 1.47 -12.66
CA MET A 76 -8.23 0.13 -13.18
C MET A 76 -9.37 -0.64 -12.54
N THR A 77 -10.01 -1.45 -13.37
CA THR A 77 -10.88 -2.49 -12.77
C THR A 77 -10.21 -3.83 -12.93
N GLY A 78 -10.48 -4.73 -11.98
CA GLY A 78 -9.97 -6.06 -11.98
C GLY A 78 -10.33 -6.77 -10.69
N ASP A 79 -9.94 -8.03 -10.66
CA ASP A 79 -10.33 -8.85 -9.49
C ASP A 79 -9.38 -8.64 -8.34
N THR A 80 -9.39 -7.43 -7.83
CA THR A 80 -8.59 -7.13 -6.65
C THR A 80 -9.40 -7.47 -5.40
N PRO A 81 -8.77 -8.00 -4.37
CA PRO A 81 -9.57 -8.38 -3.20
C PRO A 81 -10.01 -7.20 -2.34
N ILE A 82 -9.37 -6.07 -2.54
CA ILE A 82 -9.77 -4.87 -1.83
C ILE A 82 -9.65 -3.72 -2.83
N ASN A 83 -10.48 -2.71 -2.67
CA ASN A 83 -10.43 -1.58 -3.58
C ASN A 83 -9.37 -0.61 -3.07
N ILE A 84 -8.52 -0.17 -3.98
CA ILE A 84 -7.32 0.58 -3.67
C ILE A 84 -7.28 1.90 -4.40
N PHE A 85 -7.13 2.99 -3.67
CA PHE A 85 -6.83 4.30 -4.19
C PHE A 85 -5.34 4.56 -3.91
N GLY A 86 -4.60 4.45 -5.04
CA GLY A 86 -3.17 4.62 -5.04
C GLY A 86 -2.73 6.03 -5.28
N ARG A 87 -1.45 6.20 -5.54
CA ARG A 87 -0.83 7.51 -5.54
C ARG A 87 -1.36 8.43 -6.59
N ASN A 88 -1.85 7.84 -7.69
CA ASN A 88 -2.41 8.73 -8.71
C ASN A 88 -3.57 9.54 -8.19
N ILE A 89 -4.39 8.92 -7.34
CA ILE A 89 -5.51 9.63 -6.72
C ILE A 89 -5.05 10.40 -5.50
N LEU A 90 -4.17 9.82 -4.68
CA LEU A 90 -3.77 10.53 -3.49
C LEU A 90 -3.13 11.88 -3.80
N THR A 91 -2.32 11.91 -4.84
CA THR A 91 -1.70 13.15 -5.28
C THR A 91 -2.75 14.12 -5.84
N ALA A 92 -3.72 13.66 -6.59
CA ALA A 92 -4.79 14.57 -7.06
C ALA A 92 -5.57 15.19 -5.93
N LEU A 93 -5.68 14.49 -4.81
CA LEU A 93 -6.37 15.01 -3.63
C LEU A 93 -5.47 15.90 -2.78
N GLY A 94 -4.14 15.92 -2.98
CA GLY A 94 -3.25 16.71 -2.15
C GLY A 94 -2.84 16.07 -0.85
N MET A 95 -2.89 14.74 -0.82
CA MET A 95 -2.46 13.97 0.35
CA MET A 95 -2.47 14.01 0.40
C MET A 95 -0.95 13.83 0.47
N SER A 96 -0.47 13.75 1.71
CA SER A 96 0.93 13.49 1.93
C SER A 96 1.07 12.52 3.10
N LEU A 97 2.21 11.84 3.13
CA LEU A 97 2.60 10.95 4.19
C LEU A 97 3.68 11.65 5.02
N ASN A 98 3.47 11.75 6.33
CA ASN A 98 4.37 12.55 7.16
C ASN A 98 4.90 11.82 8.40
N LEU A 99 6.13 12.15 8.71
CA LEU A 99 6.80 11.80 9.95
C LEU A 99 7.23 13.06 10.70
N PRO B 1 10.09 14.18 8.28
CA PRO B 1 10.01 13.92 6.85
C PRO B 1 8.61 13.97 6.27
N GLN B 2 8.50 14.35 5.00
CA GLN B 2 7.25 14.43 4.25
C GLN B 2 7.41 13.85 2.86
N PHE B 3 6.45 13.00 2.48
CA PHE B 3 6.43 12.32 1.21
C PHE B 3 5.18 12.78 0.49
N SER B 4 5.35 13.44 -0.67
CA SER B 4 4.25 14.08 -1.40
C SER B 4 3.60 13.14 -2.40
N LEU B 5 4.10 11.95 -2.59
CA LEU B 5 3.46 10.83 -3.26
C LEU B 5 3.42 10.94 -4.75
N TRP B 6 4.03 11.97 -5.34
CA TRP B 6 4.22 12.02 -6.79
C TRP B 6 5.22 10.93 -7.20
N LYS B 7 6.15 10.55 -6.35
CA LYS B 7 7.02 9.40 -6.55
C LYS B 7 6.69 8.42 -5.43
N ARG B 8 7.11 7.17 -5.62
CA ARG B 8 6.92 6.23 -4.54
C ARG B 8 7.61 6.67 -3.27
N PRO B 9 6.99 6.49 -2.11
CA PRO B 9 7.70 6.85 -0.85
C PRO B 9 8.62 5.72 -0.40
N VAL B 10 9.75 5.67 -1.07
CA VAL B 10 10.79 4.70 -0.86
C VAL B 10 11.94 5.34 -0.14
N VAL B 11 12.45 4.57 0.84
CA VAL B 11 13.61 4.98 1.59
C VAL B 11 14.54 3.80 1.80
N THR B 12 15.74 4.03 2.26
CA THR B 12 16.60 2.92 2.66
C THR B 12 16.44 2.74 4.17
N ALA B 13 16.65 1.51 4.60
CA ALA B 13 16.58 1.12 6.00
C ALA B 13 17.58 0.03 6.31
N TYR B 14 17.77 -0.22 7.59
CA TYR B 14 18.54 -1.37 8.01
C TYR B 14 17.61 -2.27 8.83
N ILE B 15 17.66 -3.55 8.61
CA ILE B 15 16.94 -4.55 9.43
C ILE B 15 18.00 -5.44 10.03
N GLU B 16 18.18 -5.36 11.34
CA GLU B 16 19.27 -6.09 11.97
C GLU B 16 20.61 -5.85 11.24
N GLY B 17 20.82 -4.61 10.86
CA GLY B 17 22.05 -4.23 10.17
C GLY B 17 22.05 -4.49 8.67
N GLN B 18 21.02 -5.11 8.09
CA GLN B 18 21.03 -5.49 6.68
C GLN B 18 20.35 -4.38 5.86
N PRO B 19 21.04 -3.78 4.91
CA PRO B 19 20.44 -2.66 4.18
C PRO B 19 19.37 -3.10 3.18
N VAL B 20 18.29 -2.34 3.15
CA VAL B 20 17.18 -2.61 2.23
C VAL B 20 16.60 -1.32 1.66
N GLU B 21 16.05 -1.40 0.49
CA GLU B 21 15.14 -0.45 -0.07
C GLU B 21 13.72 -0.83 0.33
N VAL B 22 12.97 0.08 0.92
CA VAL B 22 11.64 -0.21 1.42
C VAL B 22 10.66 0.88 1.00
N LEU B 23 9.44 0.43 0.76
CA LEU B 23 8.28 1.26 0.38
C LEU B 23 7.43 1.46 1.61
N LEU B 24 7.15 2.70 1.98
CA LEU B 24 6.27 3.02 3.09
C LEU B 24 4.84 2.88 2.59
N ASP B 25 4.11 1.91 3.14
CA ASP B 25 2.91 1.39 2.52
C ASP B 25 1.72 1.41 3.48
N THR B 26 0.88 2.44 3.39
CA THR B 26 -0.29 2.59 4.25
C THR B 26 -1.36 1.52 3.94
N GLY B 27 -1.26 0.88 2.78
CA GLY B 27 -2.16 -0.21 2.41
C GLY B 27 -1.77 -1.59 2.92
N ALA B 28 -0.68 -1.64 3.67
CA ALA B 28 -0.19 -2.90 4.25
C ALA B 28 -0.36 -2.91 5.77
N ASP B 29 -1.00 -3.97 6.30
CA ASP B 29 -1.05 -4.10 7.75
C ASP B 29 0.32 -4.43 8.36
N ASP B 30 1.06 -5.25 7.64
CA ASP B 30 2.28 -5.89 8.08
C ASP B 30 3.46 -5.42 7.25
N SER B 31 4.65 -5.75 7.68
CA SER B 31 5.90 -5.41 6.99
C SER B 31 6.55 -6.67 6.48
N ILE B 32 6.77 -6.70 5.17
CA ILE B 32 7.18 -7.88 4.42
CA ILE B 32 7.24 -7.89 4.48
C ILE B 32 8.46 -7.55 3.66
N VAL B 33 9.52 -8.32 3.86
CA VAL B 33 10.81 -8.06 3.24
C VAL B 33 11.35 -9.36 2.66
N ALA B 34 11.82 -9.27 1.45
CA ALA B 34 12.41 -10.41 0.74
C ALA B 34 13.94 -10.37 0.86
N GLY B 35 14.57 -11.50 0.90
CA GLY B 35 15.97 -11.73 0.67
C GLY B 35 16.81 -11.65 1.91
N ILE B 36 16.32 -11.01 2.95
CA ILE B 36 17.09 -10.87 4.19
C ILE B 36 17.00 -12.18 4.94
N GLU B 37 18.03 -12.41 5.71
CA GLU B 37 18.13 -13.70 6.40
C GLU B 37 18.15 -13.36 7.88
N LEU B 38 17.06 -13.65 8.55
CA LEU B 38 16.96 -13.35 9.99
C LEU B 38 17.06 -14.58 10.88
N GLY B 39 17.26 -15.76 10.34
CA GLY B 39 17.61 -16.95 11.09
C GLY B 39 16.44 -17.88 11.33
N ASN B 40 16.54 -18.76 12.32
CA ASN B 40 15.60 -19.85 12.48
C ASN B 40 14.55 -19.62 13.55
N ASN B 41 14.57 -18.46 14.20
CA ASN B 41 13.63 -18.18 15.27
C ASN B 41 12.40 -17.43 14.74
N TYR B 42 11.50 -18.20 14.11
CA TYR B 42 10.32 -17.65 13.46
C TYR B 42 9.12 -18.56 13.63
N SER B 43 7.94 -17.97 13.34
CA SER B 43 6.71 -18.74 13.16
C SER B 43 6.21 -18.53 11.74
N PRO B 44 5.64 -19.51 11.11
CA PRO B 44 5.02 -19.30 9.81
C PRO B 44 3.78 -18.42 9.92
N LYS B 45 3.59 -17.59 8.92
CA LYS B 45 2.41 -16.73 8.77
C LYS B 45 1.98 -16.70 7.30
N ILE B 46 0.67 -16.64 7.14
CA ILE B 46 0.09 -16.59 5.79
C ILE B 46 -0.36 -15.18 5.50
N VAL B 47 0.07 -14.62 4.37
CA VAL B 47 -0.18 -13.23 4.01
C VAL B 47 -0.85 -13.18 2.64
N GLY B 48 -1.92 -12.42 2.54
CA GLY B 48 -2.60 -12.25 1.29
C GLY B 48 -2.46 -10.90 0.66
N GLY B 49 -2.24 -10.85 -0.63
CA GLY B 49 -2.03 -9.67 -1.43
C GLY B 49 -2.94 -9.67 -2.65
N ILE B 50 -2.59 -8.78 -3.56
CA ILE B 50 -3.43 -8.59 -4.71
C ILE B 50 -3.59 -9.85 -5.52
N GLY B 51 -2.56 -10.67 -5.59
CA GLY B 51 -2.58 -11.84 -6.42
C GLY B 51 -2.80 -13.18 -5.73
N GLY B 52 -2.96 -13.17 -4.42
CA GLY B 52 -3.15 -14.44 -3.71
C GLY B 52 -2.28 -14.42 -2.46
N PHE B 53 -1.90 -15.58 -2.02
CA PHE B 53 -1.30 -15.77 -0.73
C PHE B 53 0.11 -16.31 -0.87
N ILE B 54 0.90 -15.94 0.16
CA ILE B 54 2.24 -16.45 0.31
C ILE B 54 2.45 -16.87 1.77
N ASN B 55 3.31 -17.84 1.98
CA ASN B 55 3.84 -18.12 3.28
C ASN B 55 4.97 -17.13 3.60
N THR B 56 5.07 -16.74 4.84
CA THR B 56 6.14 -15.88 5.34
C THR B 56 6.69 -16.46 6.64
N LYS B 57 7.85 -16.00 6.99
CA LYS B 57 8.48 -16.27 8.28
C LYS B 57 8.35 -15.04 9.14
N GLU B 58 7.69 -15.14 10.27
CA GLU B 58 7.49 -13.99 11.15
C GLU B 58 8.54 -13.92 12.25
N TYR B 59 9.23 -12.81 12.32
CA TYR B 59 10.24 -12.54 13.31
C TYR B 59 9.76 -11.38 14.17
N LYS B 60 9.76 -11.56 15.49
CA LYS B 60 9.34 -10.49 16.37
C LYS B 60 10.56 -9.76 16.93
N ASN B 61 10.32 -8.55 17.35
CA ASN B 61 11.30 -7.75 18.08
C ASN B 61 12.60 -7.53 17.31
N VAL B 62 12.42 -7.27 16.01
CA VAL B 62 13.57 -7.03 15.12
C VAL B 62 13.96 -5.57 15.17
N GLU B 63 15.27 -5.29 15.25
CA GLU B 63 15.76 -3.93 15.20
C GLU B 63 15.70 -3.37 13.77
N ILE B 64 15.07 -2.21 13.64
CA ILE B 64 14.85 -1.49 12.39
C ILE B 64 15.36 -0.08 12.56
N GLU B 65 16.19 0.35 11.61
CA GLU B 65 16.62 1.72 11.53
C GLU B 65 16.14 2.32 10.21
N VAL B 66 15.37 3.39 10.34
CA VAL B 66 14.80 4.05 9.18
C VAL B 66 14.44 5.47 9.57
N LEU B 67 14.61 6.41 8.66
CA LEU B 67 14.21 7.80 8.88
C LEU B 67 14.76 8.36 10.17
N ASN B 68 16.03 8.02 10.39
CA ASN B 68 16.81 8.50 11.52
C ASN B 68 16.27 8.01 12.85
N LYS B 69 15.39 7.01 12.85
CA LYS B 69 14.81 6.44 14.05
C LYS B 69 15.22 4.98 14.16
N LYS B 70 15.18 4.42 15.36
CA LYS B 70 15.40 3.03 15.66
C LYS B 70 14.15 2.52 16.39
N VAL B 71 13.55 1.46 15.87
CA VAL B 71 12.38 0.86 16.50
C VAL B 71 12.59 -0.66 16.49
N ARG B 72 11.82 -1.32 17.32
CA ARG B 72 11.75 -2.78 17.36
C ARG B 72 10.36 -3.18 16.89
N ALA B 73 10.32 -4.04 15.90
CA ALA B 73 9.03 -4.40 15.32
C ALA B 73 9.06 -5.80 14.70
N THR B 74 7.87 -6.27 14.36
CA THR B 74 7.73 -7.57 13.69
C THR B 74 7.98 -7.44 12.21
N ILE B 75 8.79 -8.28 11.65
CA ILE B 75 9.12 -8.33 10.23
C ILE B 75 8.80 -9.74 9.75
N MET B 76 8.10 -9.85 8.63
CA MET B 76 7.90 -11.11 7.96
CA MET B 76 7.80 -11.06 7.90
C MET B 76 8.80 -11.16 6.73
N THR B 77 9.48 -12.27 6.58
CA THR B 77 10.29 -12.41 5.37
C THR B 77 9.52 -13.34 4.44
N GLY B 78 9.52 -13.05 3.15
CA GLY B 78 8.93 -13.85 2.15
C GLY B 78 8.94 -13.23 0.77
N ASP B 79 8.24 -13.83 -0.16
CA ASP B 79 8.37 -13.48 -1.56
C ASP B 79 7.48 -12.32 -1.93
N THR B 80 7.85 -11.12 -1.51
CA THR B 80 7.23 -9.89 -1.99
C THR B 80 8.06 -9.25 -3.08
N PRO B 81 7.47 -8.73 -4.15
CA PRO B 81 8.29 -8.10 -5.19
C PRO B 81 8.91 -6.77 -4.79
N ILE B 82 8.41 -6.12 -3.77
CA ILE B 82 8.87 -4.86 -3.22
C ILE B 82 8.86 -4.98 -1.71
N ASN B 83 9.93 -4.58 -1.04
CA ASN B 83 9.94 -4.64 0.42
C ASN B 83 9.05 -3.53 0.95
N ILE B 84 8.20 -3.88 1.91
CA ILE B 84 7.19 -2.94 2.38
C ILE B 84 7.23 -2.82 3.91
N PHE B 85 7.18 -1.55 4.33
CA PHE B 85 6.98 -1.22 5.72
C PHE B 85 5.53 -0.78 5.84
N GLY B 86 4.75 -1.64 6.47
CA GLY B 86 3.32 -1.43 6.66
C GLY B 86 3.03 -0.75 7.98
N ARG B 87 1.77 -0.72 8.33
CA ARG B 87 1.32 0.14 9.40
C ARG B 87 1.90 -0.26 10.76
N ASN B 88 2.27 -1.51 10.97
CA ASN B 88 2.92 -1.85 12.24
C ASN B 88 4.17 -1.00 12.51
N ILE B 89 4.93 -0.76 11.43
CA ILE B 89 6.11 0.09 11.57
C ILE B 89 5.75 1.57 11.42
N LEU B 90 4.82 1.90 10.49
CA LEU B 90 4.50 3.32 10.34
C LEU B 90 3.99 3.90 11.65
N THR B 91 3.16 3.18 12.39
CA THR B 91 2.71 3.65 13.70
C THR B 91 3.86 3.71 14.72
N ALA B 92 4.77 2.77 14.69
CA ALA B 92 5.87 2.81 15.61
C ALA B 92 6.71 4.06 15.38
N LEU B 93 6.82 4.55 14.15
CA LEU B 93 7.55 5.72 13.75
C LEU B 93 6.75 6.99 14.01
N GLY B 94 5.45 6.87 14.23
CA GLY B 94 4.64 8.06 14.43
C GLY B 94 4.12 8.70 13.16
N MET B 95 3.94 7.93 12.08
CA MET B 95 3.61 8.51 10.80
C MET B 95 2.11 8.66 10.65
N SER B 96 1.73 9.57 9.75
CA SER B 96 0.35 9.87 9.47
C SER B 96 0.18 10.19 7.98
N LEU B 97 -1.03 9.99 7.49
CA LEU B 97 -1.49 10.37 6.17
C LEU B 97 -2.40 11.58 6.35
N ASN B 98 -2.17 12.65 5.54
CA ASN B 98 -2.84 13.90 5.77
C ASN B 98 -3.34 14.55 4.49
N LEU B 99 -4.38 15.34 4.55
CA LEU B 99 -4.98 16.13 3.49
C LEU B 99 -5.53 17.43 4.07
C2 065 C . -0.85 -1.16 -7.94
O39 065 C . -0.64 -0.35 -9.00
C40 065 C . 0.48 -0.90 -9.71
O41 065 C . 0.87 -2.11 -9.06
C3 065 C . 0.08 -2.23 -7.98
C4 065 C . 0.05 -3.17 -7.02
C5 065 C . -0.90 -3.01 -6.02
C6 065 C . -1.82 -1.97 -5.96
C7 065 C . -1.78 -1.03 -6.97
S8 065 C . -0.75 -4.06 -4.58
O9 065 C . -0.19 -5.31 -4.96
O10 065 C . -2.09 -4.10 -3.97
N11 065 C . 0.28 -3.26 -3.51
C12 065 C . 1.67 -3.26 -3.92
C13 065 C . 2.68 -3.49 -2.74
C14 065 C . 4.04 -3.09 -3.40
C15 065 C . 2.72 -5.02 -2.51
C16 065 C . -0.40 -2.32 -2.61
C17 065 C . -0.28 -2.79 -1.14
O18 065 C . -0.59 -1.69 -0.26
C19 065 C . -1.29 -3.94 -0.85
N20 065 C . -1.01 -4.51 0.47
C21 065 C . -0.43 -5.69 0.73
O22 065 C . -0.03 -6.48 -0.11
O23 065 C . -0.34 -5.88 2.08
C24 065 C . -0.04 -7.21 2.59
C25 065 C . 0.94 -6.97 3.76
O26 065 C . 0.16 -6.61 4.86
C27 065 C . -1.11 -7.25 4.81
O28 065 C . -2.16 -6.30 4.99
C29 065 C . -2.90 -6.09 3.79
C30 065 C . -2.61 -7.35 2.94
C31 065 C . -1.21 -7.83 3.38
C32 065 C . -2.80 -3.57 -0.86
C33 065 C . -4.37 -4.77 0.69
C34 065 C . -5.19 -5.84 1.04
C35 065 C . -5.32 -6.92 0.16
C36 065 C . -4.62 -6.92 -1.05
C37 065 C . -3.81 -5.82 -1.36
C38 065 C . -3.68 -4.73 -0.51
N1 IMD D . 11.39 14.98 13.19
C2 IMD D . 10.10 14.68 13.44
N3 IMD D . 9.39 15.20 12.44
C4 IMD D . 10.22 15.84 11.55
C5 IMD D . 11.50 15.70 12.01
N1 IMD E . -21.84 13.83 -0.64
C2 IMD E . -21.74 14.18 -1.94
N3 IMD E . -21.70 13.06 -2.66
C4 IMD E . -21.78 11.97 -1.82
C5 IMD E . -21.87 12.45 -0.55
ZN ZN F . 1.21 1.04 -12.84
ZN ZN G . 7.49 15.14 12.47
ZN ZN H . -12.30 -13.63 -8.19
ZN ZN I . -21.69 13.14 -4.67
ZN ZN J . -20.76 14.48 -10.77
CL CL K . 1.04 -0.71 -14.04
CL CL L . -20.30 16.70 -11.16
CL CL M . 6.33 16.11 10.67
NA NA N . -12.70 1.45 -27.49
N1 IMD O . 17.76 3.06 -6.33
C2 IMD O . 16.77 2.33 -5.80
N3 IMD O . 15.70 2.46 -6.57
C4 IMD O . 16.05 3.31 -7.64
C5 IMD O . 17.38 3.69 -7.47
N1 IMD P . 11.77 5.17 -6.22
C2 IMD P . 12.66 4.27 -5.78
N3 IMD P . 12.49 3.09 -6.39
C4 IMD P . 11.46 3.23 -7.26
C5 IMD P . 10.99 4.54 -7.17
N1 IMD Q . -0.96 -13.31 9.68
C2 IMD Q . -1.23 -12.57 8.57
N3 IMD Q . -1.13 -11.28 8.88
C4 IMD Q . -0.80 -11.20 10.22
C5 IMD Q . -0.69 -12.48 10.71
N1 IMD R . 5.85 17.60 -7.44
C2 IMD R . 6.67 16.54 -7.49
N3 IMD R . 7.13 16.33 -6.27
C4 IMD R . 6.61 17.25 -5.40
C5 IMD R . 5.80 18.06 -6.15
ZN ZN S . 13.86 1.67 -6.28
ZN ZN T . -1.44 -9.78 7.75
ZN ZN U . 8.19 14.63 -5.64
ZN ZN V . 22.26 -0.64 13.22
ZN ZN W . 2.14 -11.68 14.47
ZN ZN X . -1.44 -8.91 9.36
CL CL Y . -1.28 -16.56 9.81
CL CL Z . -2.41 -10.69 5.57
CL CL AA . 23.23 -0.91 11.40
CL CL BA . 6.85 13.37 -4.25
CL CL CA . 8.57 13.56 -7.51
CL CL DA . 9.94 15.20 -4.38
#